data_1SG1
#
_entry.id   1SG1
#
_cell.length_a   49.692
_cell.length_b   91.796
_cell.length_c   92.010
_cell.angle_alpha   90.00
_cell.angle_beta   90.00
_cell.angle_gamma   90.00
#
_symmetry.space_group_name_H-M   'P 21 21 21'
#
loop_
_entity.id
_entity.type
_entity.pdbx_description
1 polymer 'Beta-nerve growth factor'
2 polymer 'Tumor necrosis factor receptor superfamily member 16'
3 non-polymer 'CHLORIDE ION'
4 water water
#
loop_
_entity_poly.entity_id
_entity_poly.type
_entity_poly.pdbx_seq_one_letter_code
_entity_poly.pdbx_strand_id
1 'polypeptide(L)'
;SSSHPIFHRGEFSVCDSVSVWVGDKTTATDIKGKEVMVLGEVNINNSVFKQYFFETKCRDPNPVDSGCRGIDSKHWNSYC
TTTHTFVKALTMDGKQAAWRFIRIDTACVCVLSRKAVRRA
;
A,B
2 'polypeptide(L)'
;KETCSTGLYTHSGECCKACNLGEGVAQPCGANQTVCEPCLDNVTFSDVVSATEPCKPCTECLGLQSMSAPCVEADDAVCR
CAYGYYQDEETGHCEACSVCEVGSGLVFSCQDKQNTVCEECPEGTYSDEANHVDPCLPCTVCEDTERQLRECTPWADAEC
E
;
X
#
# COMPACT_ATOMS: atom_id res chain seq x y z
N GLU A 11 -5.94 27.57 -1.46
CA GLU A 11 -5.70 26.10 -1.27
C GLU A 11 -5.15 25.43 -2.51
N PHE A 12 -3.84 25.27 -2.56
CA PHE A 12 -3.18 24.61 -3.69
C PHE A 12 -2.75 23.20 -3.30
N SER A 13 -2.05 22.54 -4.22
CA SER A 13 -1.55 21.19 -4.02
C SER A 13 -0.09 21.23 -4.41
N VAL A 14 0.79 20.82 -3.49
CA VAL A 14 2.21 20.83 -3.76
C VAL A 14 2.54 20.19 -5.09
N CYS A 15 1.90 19.08 -5.38
CA CYS A 15 2.10 18.39 -6.64
C CYS A 15 0.76 18.28 -7.33
N ASP A 16 0.70 18.74 -8.57
CA ASP A 16 -0.53 18.68 -9.34
C ASP A 16 -0.82 17.27 -9.82
N SER A 17 -2.06 16.84 -9.64
CA SER A 17 -2.44 15.51 -10.03
C SER A 17 -3.73 15.58 -10.80
N VAL A 18 -4.16 14.42 -11.27
CA VAL A 18 -5.41 14.33 -11.98
C VAL A 18 -6.04 13.05 -11.48
N SER A 19 -7.34 13.11 -11.21
CA SER A 19 -8.05 11.95 -10.70
C SER A 19 -9.05 11.47 -11.74
N VAL A 20 -9.20 10.16 -11.88
CA VAL A 20 -10.10 9.69 -12.90
C VAL A 20 -10.62 8.30 -12.65
N TRP A 21 -11.85 8.09 -13.10
CA TRP A 21 -12.49 6.80 -12.97
C TRP A 21 -12.04 5.99 -14.15
N VAL A 22 -11.58 4.78 -13.89
CA VAL A 22 -11.10 3.93 -14.97
C VAL A 22 -11.87 2.63 -15.02
N GLY A 23 -12.45 2.34 -16.18
CA GLY A 23 -13.21 1.10 -16.34
C GLY A 23 -12.82 0.41 -17.62
N ASP A 24 -11.65 0.77 -18.14
CA ASP A 24 -11.14 0.18 -19.37
C ASP A 24 -9.81 -0.51 -19.07
N LYS A 25 -9.56 -0.74 -17.78
CA LYS A 25 -8.32 -1.36 -17.36
C LYS A 25 -8.08 -2.71 -18.04
N THR A 26 -6.95 -2.79 -18.74
CA THR A 26 -6.55 -3.99 -19.45
C THR A 26 -5.40 -4.69 -18.72
N THR A 27 -4.20 -4.14 -18.86
CA THR A 27 -3.04 -4.71 -18.18
C THR A 27 -2.84 -4.02 -16.84
N ALA A 28 -2.26 -4.73 -15.89
CA ALA A 28 -2.02 -4.18 -14.57
C ALA A 28 -0.95 -5.02 -13.88
N THR A 29 -0.28 -4.40 -12.89
CA THR A 29 0.76 -5.11 -12.19
C THR A 29 0.16 -5.52 -10.88
N ASP A 30 0.37 -6.77 -10.50
CA ASP A 30 -0.21 -7.24 -9.26
C ASP A 30 0.70 -6.97 -8.08
N ILE A 31 0.18 -7.17 -6.89
CA ILE A 31 0.88 -6.91 -5.65
C ILE A 31 2.22 -7.61 -5.45
N LYS A 32 2.47 -8.61 -6.26
CA LYS A 32 3.72 -9.37 -6.19
C LYS A 32 4.61 -8.97 -7.36
N GLY A 33 4.17 -7.94 -8.09
CA GLY A 33 4.90 -7.45 -9.25
C GLY A 33 4.67 -8.29 -10.48
N LYS A 34 3.53 -8.96 -10.54
CA LYS A 34 3.20 -9.80 -11.68
C LYS A 34 2.37 -9.08 -12.72
N GLU A 35 2.79 -9.14 -13.98
CA GLU A 35 2.06 -8.48 -15.04
C GLU A 35 0.84 -9.36 -15.26
N VAL A 36 -0.34 -8.77 -15.19
CA VAL A 36 -1.55 -9.55 -15.32
C VAL A 36 -2.64 -8.84 -16.11
N MET A 37 -3.60 -9.60 -16.61
CA MET A 37 -4.70 -9.03 -17.40
C MET A 37 -5.95 -8.85 -16.57
N VAL A 38 -6.69 -7.79 -16.84
CA VAL A 38 -7.91 -7.48 -16.10
C VAL A 38 -9.16 -7.61 -16.97
N LEU A 39 -10.07 -8.52 -16.61
CA LEU A 39 -11.30 -8.72 -17.36
C LEU A 39 -12.12 -7.44 -17.52
N GLY A 40 -12.85 -7.35 -18.63
CA GLY A 40 -13.68 -6.20 -18.90
C GLY A 40 -14.82 -6.07 -17.90
N GLU A 41 -15.74 -7.02 -17.90
CA GLU A 41 -16.85 -6.99 -16.96
C GLU A 41 -16.89 -8.24 -16.09
N VAL A 42 -17.76 -8.24 -15.09
CA VAL A 42 -17.91 -9.37 -14.18
C VAL A 42 -19.34 -9.54 -13.67
N ASN A 43 -19.71 -10.78 -13.34
CA ASN A 43 -21.06 -11.03 -12.82
C ASN A 43 -20.93 -11.36 -11.34
N ILE A 44 -21.90 -10.97 -10.54
CA ILE A 44 -21.85 -11.23 -9.11
C ILE A 44 -22.97 -12.15 -8.65
N ASN A 45 -24.09 -12.08 -9.33
CA ASN A 45 -25.26 -12.90 -9.03
C ASN A 45 -26.08 -12.89 -10.32
N ASN A 46 -25.44 -13.33 -11.40
CA ASN A 46 -26.09 -13.34 -12.69
C ASN A 46 -26.38 -11.88 -13.00
N SER A 47 -25.49 -11.02 -12.54
CA SER A 47 -25.57 -9.57 -12.75
C SER A 47 -24.17 -9.07 -13.11
N VAL A 48 -24.02 -8.49 -14.29
CA VAL A 48 -22.71 -8.02 -14.71
C VAL A 48 -22.48 -6.53 -14.62
N PHE A 49 -21.30 -6.19 -14.11
CA PHE A 49 -20.88 -4.80 -13.97
C PHE A 49 -19.49 -4.71 -14.58
N LYS A 50 -19.06 -3.51 -14.89
CA LYS A 50 -17.74 -3.29 -15.45
C LYS A 50 -16.88 -3.07 -14.20
N GLN A 51 -15.60 -3.38 -14.26
CA GLN A 51 -14.76 -3.15 -13.10
C GLN A 51 -14.24 -1.73 -13.16
N TYR A 52 -14.56 -0.94 -12.13
CA TYR A 52 -14.13 0.44 -12.08
C TYR A 52 -13.08 0.61 -11.02
N PHE A 53 -12.14 1.51 -11.26
CA PHE A 53 -11.04 1.82 -10.34
C PHE A 53 -10.78 3.32 -10.31
N PHE A 54 -10.75 3.91 -9.11
CA PHE A 54 -10.48 5.33 -8.94
C PHE A 54 -8.97 5.62 -8.88
N GLU A 55 -8.43 6.27 -9.90
CA GLU A 55 -6.99 6.55 -9.97
C GLU A 55 -6.55 8.00 -9.90
N THR A 56 -5.42 8.25 -9.24
CA THR A 56 -4.87 9.61 -9.12
C THR A 56 -3.39 9.58 -9.54
N LYS A 57 -3.06 10.35 -10.57
CA LYS A 57 -1.71 10.43 -11.11
C LYS A 57 -1.16 11.84 -11.15
N CYS A 58 0.14 11.95 -11.44
CA CYS A 58 0.79 13.24 -11.54
C CYS A 58 0.68 13.75 -12.98
N ARG A 59 0.91 15.03 -13.19
CA ARG A 59 0.88 15.59 -14.53
C ARG A 59 2.33 15.83 -14.92
N ASP A 60 3.23 15.22 -14.14
CA ASP A 60 4.68 15.30 -14.33
C ASP A 60 5.27 16.52 -13.65
N GLY A 67 10.05 19.95 -8.76
CA GLY A 67 8.97 20.40 -9.63
C GLY A 67 7.69 20.57 -8.83
N CYS A 68 7.85 20.56 -7.51
CA CYS A 68 6.71 20.71 -6.65
C CYS A 68 6.56 22.18 -6.43
N ARG A 69 5.36 22.58 -6.01
CA ARG A 69 5.05 23.95 -5.76
C ARG A 69 5.30 24.34 -4.30
N GLY A 70 5.79 25.56 -4.09
CA GLY A 70 6.02 26.07 -2.76
C GLY A 70 7.17 25.53 -1.93
N ILE A 71 8.02 24.75 -2.56
CA ILE A 71 9.17 24.18 -1.88
C ILE A 71 10.25 25.24 -1.65
N ASP A 72 11.00 25.09 -0.56
CA ASP A 72 12.10 25.98 -0.25
C ASP A 72 13.32 25.57 -1.09
N SER A 73 13.33 26.00 -2.35
CA SER A 73 14.41 25.68 -3.29
C SER A 73 15.85 25.82 -2.78
N LYS A 74 16.10 26.93 -2.10
CA LYS A 74 17.40 27.25 -1.54
C LYS A 74 18.02 26.05 -0.86
N HIS A 75 17.19 25.31 -0.13
CA HIS A 75 17.66 24.17 0.62
C HIS A 75 17.38 22.75 0.08
N TRP A 76 16.32 22.59 -0.69
CA TRP A 76 15.98 21.27 -1.20
C TRP A 76 15.73 21.15 -2.70
N ASN A 77 16.04 19.97 -3.22
CA ASN A 77 15.78 19.63 -4.61
C ASN A 77 14.47 18.86 -4.43
N SER A 78 13.58 18.92 -5.41
CA SER A 78 12.32 18.21 -5.27
C SER A 78 11.71 17.76 -6.57
N TYR A 79 10.90 16.70 -6.48
CA TYR A 79 10.21 16.20 -7.65
C TYR A 79 8.95 15.53 -7.19
N CYS A 80 7.99 15.42 -8.10
CA CYS A 80 6.70 14.79 -7.79
C CYS A 80 6.68 13.34 -8.21
N THR A 81 6.01 12.49 -7.45
CA THR A 81 5.94 11.09 -7.79
C THR A 81 4.55 10.57 -7.52
N THR A 82 4.21 9.50 -8.21
CA THR A 82 2.92 8.88 -8.10
C THR A 82 3.00 7.68 -7.17
N THR A 83 2.15 7.69 -6.16
CA THR A 83 2.10 6.61 -5.19
C THR A 83 0.98 5.66 -5.62
N HIS A 84 0.97 4.48 -4.99
CA HIS A 84 0.00 3.50 -5.37
C HIS A 84 -0.68 2.89 -4.18
N THR A 85 -1.78 2.20 -4.45
CA THR A 85 -2.54 1.50 -3.44
C THR A 85 -2.82 0.14 -4.10
N PHE A 86 -3.58 -0.71 -3.42
CA PHE A 86 -3.89 -2.03 -3.97
C PHE A 86 -5.37 -2.35 -3.88
N VAL A 87 -5.90 -2.87 -4.97
CA VAL A 87 -7.30 -3.19 -5.06
C VAL A 87 -7.53 -4.58 -5.64
N LYS A 88 -8.57 -5.25 -5.15
CA LYS A 88 -8.90 -6.58 -5.64
C LYS A 88 -9.71 -6.49 -6.92
N ALA A 89 -9.29 -7.21 -7.95
CA ALA A 89 -9.99 -7.21 -9.23
C ALA A 89 -9.94 -8.61 -9.84
N LEU A 90 -10.85 -8.88 -10.77
CA LEU A 90 -10.85 -10.18 -11.41
C LEU A 90 -9.87 -10.17 -12.56
N THR A 91 -8.82 -10.98 -12.46
CA THR A 91 -7.83 -11.03 -13.52
C THR A 91 -7.81 -12.38 -14.24
N MET A 92 -7.54 -12.31 -15.54
CA MET A 92 -7.46 -13.48 -16.39
C MET A 92 -5.98 -13.76 -16.64
N ASP A 93 -5.26 -14.12 -15.58
CA ASP A 93 -3.82 -14.41 -15.68
C ASP A 93 -3.58 -15.43 -16.79
N GLY A 94 -3.39 -14.94 -18.01
CA GLY A 94 -3.15 -15.81 -19.15
C GLY A 94 -4.25 -16.84 -19.32
N LYS A 95 -4.04 -18.02 -18.75
CA LYS A 95 -5.03 -19.08 -18.87
C LYS A 95 -6.33 -18.80 -18.12
N GLN A 96 -6.35 -19.11 -16.83
CA GLN A 96 -7.55 -18.92 -16.02
C GLN A 96 -7.66 -17.55 -15.37
N ALA A 97 -8.86 -17.26 -14.91
CA ALA A 97 -9.15 -16.00 -14.26
C ALA A 97 -9.02 -16.17 -12.75
N ALA A 98 -8.43 -15.18 -12.10
CA ALA A 98 -8.24 -15.20 -10.65
C ALA A 98 -8.44 -13.82 -10.02
N TRP A 99 -8.72 -13.81 -8.72
CA TRP A 99 -8.89 -12.55 -7.98
C TRP A 99 -7.54 -12.18 -7.39
N ARG A 100 -7.07 -10.99 -7.71
CA ARG A 100 -5.79 -10.58 -7.17
C ARG A 100 -5.87 -9.13 -6.75
N PHE A 101 -4.86 -8.69 -6.02
CA PHE A 101 -4.80 -7.30 -5.62
C PHE A 101 -3.85 -6.62 -6.60
N ILE A 102 -4.36 -5.71 -7.43
CA ILE A 102 -3.50 -5.03 -8.36
C ILE A 102 -3.12 -3.64 -7.88
N ARG A 103 -1.95 -3.18 -8.30
CA ARG A 103 -1.47 -1.87 -7.90
C ARG A 103 -2.07 -0.79 -8.78
N ILE A 104 -2.60 0.27 -8.15
CA ILE A 104 -3.19 1.38 -8.88
C ILE A 104 -2.75 2.71 -8.27
N ASP A 105 -2.33 3.65 -9.12
CA ASP A 105 -1.88 4.96 -8.68
C ASP A 105 -2.99 5.63 -7.90
N THR A 106 -2.65 6.22 -6.77
CA THR A 106 -3.66 6.83 -5.94
C THR A 106 -3.40 8.28 -5.53
N ALA A 107 -2.19 8.77 -5.81
CA ALA A 107 -1.85 10.13 -5.44
C ALA A 107 -0.50 10.56 -6.00
N CYS A 108 -0.26 11.87 -5.95
CA CYS A 108 0.99 12.44 -6.40
C CYS A 108 1.56 13.21 -5.21
N VAL A 109 2.78 12.87 -4.80
CA VAL A 109 3.38 13.50 -3.64
C VAL A 109 4.77 13.95 -3.98
N CYS A 110 5.27 14.87 -3.18
CA CYS A 110 6.59 15.45 -3.35
C CYS A 110 7.68 14.79 -2.47
N VAL A 111 8.83 14.56 -3.09
CA VAL A 111 10.01 13.95 -2.47
C VAL A 111 11.13 14.98 -2.42
N LEU A 112 11.72 15.16 -1.25
CA LEU A 112 12.80 16.12 -1.10
C LEU A 112 14.15 15.49 -1.04
N SER A 113 15.13 16.28 -1.43
CA SER A 113 16.53 15.87 -1.42
C SER A 113 17.29 17.12 -1.00
N ARG A 114 17.95 17.06 0.16
CA ARG A 114 18.68 18.22 0.66
C ARG A 114 19.90 18.61 -0.19
N LYS A 115 19.91 19.88 -0.60
CA LYS A 115 20.97 20.45 -1.42
C LYS A 115 22.25 20.66 -0.63
N ARG B 9 18.71 6.55 -2.69
CA ARG B 9 17.74 7.62 -2.31
C ARG B 9 18.37 8.83 -1.64
N GLY B 10 18.31 8.90 -0.32
CA GLY B 10 18.83 10.05 0.39
C GLY B 10 17.77 11.12 0.14
N GLU B 11 16.56 10.65 -0.11
CA GLU B 11 15.40 11.49 -0.42
C GLU B 11 14.37 11.30 0.70
N PHE B 12 13.56 12.31 0.95
CA PHE B 12 12.59 12.24 2.04
C PHE B 12 11.23 12.80 1.63
N SER B 13 10.19 12.45 2.37
CA SER B 13 8.83 12.92 2.05
C SER B 13 8.50 14.24 2.73
N VAL B 14 7.50 14.92 2.19
CA VAL B 14 7.04 16.19 2.72
C VAL B 14 6.13 15.92 3.91
N CYS B 15 5.30 14.89 3.75
CA CYS B 15 4.40 14.47 4.80
C CYS B 15 4.64 12.98 5.01
N ASP B 16 4.80 12.57 6.27
CA ASP B 16 5.02 11.15 6.54
C ASP B 16 3.71 10.47 6.73
N SER B 17 3.64 9.22 6.27
CA SER B 17 2.43 8.45 6.40
C SER B 17 2.74 7.01 6.79
N VAL B 18 1.76 6.32 7.34
CA VAL B 18 1.93 4.93 7.70
C VAL B 18 0.77 4.16 7.09
N SER B 19 1.11 3.05 6.43
CA SER B 19 0.12 2.23 5.75
C SER B 19 0.00 0.84 6.34
N VAL B 20 -1.23 0.36 6.46
CA VAL B 20 -1.45 -0.98 6.98
C VAL B 20 -2.69 -1.60 6.40
N TRP B 21 -2.63 -2.92 6.28
CA TRP B 21 -3.74 -3.68 5.77
C TRP B 21 -4.75 -3.84 6.86
N VAL B 22 -5.96 -3.35 6.64
CA VAL B 22 -7.01 -3.47 7.61
C VAL B 22 -8.02 -4.57 7.24
N GLY B 23 -8.17 -5.54 8.12
CA GLY B 23 -9.10 -6.61 7.87
C GLY B 23 -10.32 -6.63 8.79
N ASP B 24 -10.41 -5.68 9.71
CA ASP B 24 -11.55 -5.65 10.62
C ASP B 24 -12.34 -4.36 10.57
N LYS B 25 -12.44 -3.78 9.38
CA LYS B 25 -13.20 -2.56 9.26
C LYS B 25 -14.66 -2.83 9.62
N THR B 26 -15.27 -1.92 10.36
CA THR B 26 -16.67 -2.04 10.74
C THR B 26 -17.50 -0.83 10.28
N THR B 27 -16.86 0.34 10.17
CA THR B 27 -17.53 1.55 9.69
C THR B 27 -16.71 2.37 8.68
N ALA B 28 -17.39 3.16 7.87
CA ALA B 28 -16.71 4.00 6.89
C ALA B 28 -17.71 4.97 6.30
N THR B 29 -17.24 6.00 5.62
CA THR B 29 -18.20 6.90 5.00
C THR B 29 -18.15 6.65 3.51
N ASP B 30 -19.31 6.41 2.92
CA ASP B 30 -19.43 6.13 1.49
C ASP B 30 -19.02 7.25 0.54
N ILE B 31 -19.20 7.01 -0.75
CA ILE B 31 -18.85 7.98 -1.78
C ILE B 31 -19.87 9.14 -1.79
N LYS B 32 -20.93 9.00 -1.01
CA LYS B 32 -21.95 10.02 -0.90
C LYS B 32 -21.83 10.77 0.43
N GLY B 33 -20.69 10.58 1.11
CA GLY B 33 -20.46 11.24 2.38
C GLY B 33 -21.25 10.67 3.54
N LYS B 34 -22.18 9.74 3.26
CA LYS B 34 -23.00 9.10 4.28
C LYS B 34 -22.23 7.99 5.00
N GLU B 35 -22.15 8.11 6.33
CA GLU B 35 -21.46 7.10 7.12
C GLU B 35 -22.21 5.78 6.92
N VAL B 36 -21.56 4.66 7.20
CA VAL B 36 -22.19 3.37 7.00
C VAL B 36 -21.40 2.20 7.62
N MET B 37 -22.07 1.08 7.79
CA MET B 37 -21.47 -0.13 8.37
C MET B 37 -20.85 -1.02 7.30
N VAL B 38 -19.69 -1.59 7.60
CA VAL B 38 -19.00 -2.45 6.65
C VAL B 38 -18.96 -3.90 7.15
N LEU B 39 -19.36 -4.82 6.30
CA LEU B 39 -19.37 -6.24 6.67
C LEU B 39 -18.02 -6.91 6.51
N GLY B 40 -17.92 -8.13 6.99
CA GLY B 40 -16.72 -8.92 6.90
C GLY B 40 -16.85 -9.72 5.63
N GLU B 41 -16.82 -11.04 5.74
CA GLU B 41 -16.90 -11.90 4.57
C GLU B 41 -18.04 -11.55 3.63
N VAL B 42 -17.86 -11.78 2.34
CA VAL B 42 -18.87 -11.52 1.33
C VAL B 42 -19.03 -12.78 0.47
N ASN B 43 -20.17 -12.86 -0.23
CA ASN B 43 -20.47 -14.02 -1.07
C ASN B 43 -20.57 -13.61 -2.52
N ILE B 44 -19.57 -13.98 -3.31
CA ILE B 44 -19.56 -13.65 -4.73
C ILE B 44 -19.49 -14.91 -5.59
N ASN B 45 -20.67 -15.44 -5.90
CA ASN B 45 -20.82 -16.65 -6.71
C ASN B 45 -20.48 -17.88 -5.93
N ASN B 46 -21.16 -18.04 -4.80
CA ASN B 46 -21.01 -19.21 -3.95
C ASN B 46 -19.72 -19.35 -3.16
N SER B 47 -18.78 -18.43 -3.35
CA SER B 47 -17.55 -18.45 -2.58
C SER B 47 -17.50 -17.23 -1.64
N VAL B 48 -16.82 -17.37 -0.51
CA VAL B 48 -16.72 -16.30 0.46
C VAL B 48 -15.31 -15.68 0.51
N PHE B 49 -15.25 -14.36 0.53
CA PHE B 49 -13.97 -13.64 0.57
C PHE B 49 -13.92 -12.71 1.76
N LYS B 50 -12.73 -12.48 2.31
CA LYS B 50 -12.61 -11.54 3.41
C LYS B 50 -12.46 -10.16 2.78
N GLN B 51 -13.00 -9.14 3.44
CA GLN B 51 -12.90 -7.79 2.91
C GLN B 51 -11.67 -7.21 3.52
N TYR B 52 -10.70 -6.86 2.68
CA TYR B 52 -9.45 -6.26 3.13
C TYR B 52 -9.25 -4.89 2.48
N PHE B 53 -8.68 -3.96 3.22
CA PHE B 53 -8.40 -2.61 2.73
C PHE B 53 -7.00 -2.11 3.12
N PHE B 54 -6.21 -1.68 2.13
CA PHE B 54 -4.88 -1.15 2.40
C PHE B 54 -5.09 0.34 2.70
N GLU B 55 -4.97 0.70 3.98
CA GLU B 55 -5.22 2.05 4.50
C GLU B 55 -3.95 2.85 4.85
N THR B 56 -3.89 4.10 4.39
CA THR B 56 -2.72 4.97 4.61
C THR B 56 -3.10 6.32 5.22
N LYS B 57 -2.48 6.69 6.34
CA LYS B 57 -2.78 7.98 6.97
C LYS B 57 -1.55 8.81 7.26
N CYS B 58 -1.80 10.02 7.74
CA CYS B 58 -0.76 10.99 8.06
C CYS B 58 -0.27 10.90 9.49
N ARG B 59 0.53 11.88 9.85
CA ARG B 59 1.08 12.05 11.19
C ARG B 59 1.21 13.58 11.33
N ASP B 60 0.07 14.25 11.17
CA ASP B 60 0.02 15.71 11.27
C ASP B 60 -1.40 16.18 11.52
N GLY B 67 3.57 20.09 10.43
CA GLY B 67 2.97 19.73 9.17
C GLY B 67 3.92 19.20 8.09
N CYS B 68 4.04 19.95 6.99
CA CYS B 68 4.89 19.56 5.89
C CYS B 68 6.32 19.95 6.14
N ARG B 69 7.20 19.23 5.48
CA ARG B 69 8.63 19.39 5.60
C ARG B 69 9.26 19.91 4.30
N GLY B 70 10.01 21.00 4.39
CA GLY B 70 10.67 21.54 3.21
C GLY B 70 9.93 22.67 2.49
N ILE B 71 8.78 22.94 3.02
CA ILE B 71 7.98 23.99 2.42
C ILE B 71 8.48 25.37 2.83
N ASP B 72 8.50 26.30 1.88
CA ASP B 72 8.96 27.67 2.13
C ASP B 72 7.94 28.42 3.00
N SER B 73 8.17 28.41 4.31
CA SER B 73 7.28 29.08 5.25
C SER B 73 7.16 30.59 5.03
N LYS B 74 8.25 31.19 4.57
CA LYS B 74 8.30 32.63 4.33
C LYS B 74 7.29 33.05 3.24
N HIS B 75 6.57 32.10 2.67
CA HIS B 75 5.61 32.40 1.61
C HIS B 75 4.27 31.68 1.68
N TRP B 76 4.28 30.40 2.05
CA TRP B 76 3.03 29.65 2.12
C TRP B 76 2.76 28.99 3.45
N ASN B 77 1.47 28.77 3.72
CA ASN B 77 1.04 28.08 4.92
C ASN B 77 0.82 26.65 4.43
N SER B 78 1.02 25.67 5.31
CA SER B 78 0.86 24.29 4.90
C SER B 78 0.62 23.34 6.05
N TYR B 79 -0.11 22.28 5.74
CA TYR B 79 -0.41 21.23 6.70
C TYR B 79 -0.56 19.94 5.90
N CYS B 80 -0.44 18.81 6.58
CA CYS B 80 -0.56 17.53 5.90
C CYS B 80 -1.99 17.00 5.93
N THR B 81 -2.44 16.51 4.78
CA THR B 81 -3.79 16.02 4.64
C THR B 81 -3.79 14.61 4.04
N THR B 82 -4.71 13.79 4.51
CA THR B 82 -4.77 12.46 4.00
C THR B 82 -5.87 12.36 2.96
N THR B 83 -5.48 12.03 1.74
CA THR B 83 -6.42 11.87 0.65
C THR B 83 -6.96 10.45 0.65
N HIS B 84 -7.90 10.15 -0.23
CA HIS B 84 -8.51 8.84 -0.24
C HIS B 84 -8.94 8.35 -1.61
N THR B 85 -9.03 7.02 -1.74
CA THR B 85 -9.47 6.43 -3.00
C THR B 85 -10.88 5.95 -2.73
N PHE B 86 -11.39 5.08 -3.59
CA PHE B 86 -12.73 4.54 -3.47
C PHE B 86 -12.70 3.08 -3.88
N VAL B 87 -13.03 2.21 -2.94
CA VAL B 87 -13.07 0.78 -3.17
C VAL B 87 -14.54 0.34 -3.07
N LYS B 88 -14.93 -0.64 -3.88
CA LYS B 88 -16.30 -1.14 -3.82
C LYS B 88 -16.36 -2.19 -2.72
N ALA B 89 -17.26 -2.01 -1.77
CA ALA B 89 -17.39 -2.97 -0.66
C ALA B 89 -18.83 -3.21 -0.21
N LEU B 90 -19.02 -4.30 0.54
CA LEU B 90 -20.34 -4.67 1.04
C LEU B 90 -20.59 -4.00 2.36
N THR B 91 -21.53 -3.07 2.34
CA THR B 91 -21.86 -2.32 3.53
C THR B 91 -23.32 -2.39 3.90
N MET B 92 -23.57 -2.62 5.19
CA MET B 92 -24.93 -2.67 5.69
C MET B 92 -25.27 -1.23 6.04
N ASP B 93 -26.39 -0.77 5.39
CA ASP B 93 -26.84 0.60 5.61
C ASP B 93 -27.81 0.62 6.78
N GLY B 94 -28.67 -0.38 6.80
CA GLY B 94 -29.66 -0.49 7.84
C GLY B 94 -30.63 -1.48 7.25
N LYS B 95 -31.11 -1.14 6.06
CA LYS B 95 -32.03 -2.02 5.39
C LYS B 95 -31.27 -3.27 4.96
N GLN B 96 -30.98 -3.40 3.68
CA GLN B 96 -30.25 -4.58 3.21
C GLN B 96 -28.79 -4.27 2.91
N ALA B 97 -28.01 -5.32 2.71
CA ALA B 97 -26.60 -5.17 2.38
C ALA B 97 -26.53 -4.84 0.90
N ALA B 98 -25.65 -3.91 0.55
CA ALA B 98 -25.49 -3.52 -0.83
C ALA B 98 -24.04 -3.22 -1.12
N TRP B 99 -23.68 -3.27 -2.39
CA TRP B 99 -22.32 -2.99 -2.81
C TRP B 99 -22.20 -1.52 -3.20
N ARG B 100 -21.41 -0.78 -2.44
CA ARG B 100 -21.21 0.63 -2.72
C ARG B 100 -19.75 0.98 -2.49
N PHE B 101 -19.32 2.09 -3.09
CA PHE B 101 -17.95 2.54 -2.95
C PHE B 101 -17.71 3.29 -1.65
N ILE B 102 -16.80 2.80 -0.83
CA ILE B 102 -16.48 3.51 0.40
C ILE B 102 -15.18 4.31 0.22
N ARG B 103 -14.92 5.19 1.16
CA ARG B 103 -13.76 6.05 1.15
C ARG B 103 -12.64 5.35 1.90
N ILE B 104 -11.44 5.30 1.32
CA ILE B 104 -10.32 4.67 2.03
C ILE B 104 -9.06 5.51 1.99
N ASP B 105 -8.60 5.88 3.18
CA ASP B 105 -7.40 6.67 3.34
C ASP B 105 -6.30 5.93 2.60
N THR B 106 -5.71 6.69 1.67
CA THR B 106 -4.75 6.17 0.74
C THR B 106 -3.38 6.88 0.67
N ALA B 107 -3.31 8.09 1.20
CA ALA B 107 -2.06 8.82 1.16
C ALA B 107 -2.10 10.09 1.94
N CYS B 108 -0.94 10.73 2.06
CA CYS B 108 -0.84 11.97 2.78
C CYS B 108 -0.16 13.03 1.91
N VAL B 109 -0.88 14.07 1.57
CA VAL B 109 -0.28 15.10 0.73
C VAL B 109 -0.23 16.42 1.47
N CYS B 110 0.74 17.23 1.10
CA CYS B 110 0.89 18.55 1.67
C CYS B 110 -0.05 19.50 0.90
N VAL B 111 -0.80 20.31 1.63
CA VAL B 111 -1.71 21.25 1.00
C VAL B 111 -1.15 22.66 1.16
N LEU B 112 -1.07 23.38 0.05
CA LEU B 112 -0.53 24.73 0.06
C LEU B 112 -1.54 25.85 0.16
N SER B 113 -1.12 26.93 0.79
CA SER B 113 -1.99 28.10 0.94
C SER B 113 -1.15 29.37 1.06
N ARG B 114 -1.37 30.30 0.14
CA ARG B 114 -0.65 31.56 0.15
C ARG B 114 -0.82 32.25 1.50
N LYS B 115 0.30 32.46 2.18
CA LYS B 115 0.33 33.08 3.50
C LYS B 115 0.76 34.52 3.34
N ALA B 116 0.29 35.39 4.23
CA ALA B 116 0.64 36.81 4.18
C ALA B 116 0.41 37.33 2.76
N GLU C 2 -1.46 -36.91 -28.45
CA GLU C 2 -2.19 -36.79 -27.15
C GLU C 2 -1.21 -36.86 -25.98
N THR C 3 -0.62 -35.72 -25.65
CA THR C 3 0.35 -35.66 -24.55
C THR C 3 -0.28 -35.43 -23.19
N CYS C 4 0.18 -36.23 -22.23
CA CYS C 4 -0.30 -36.16 -20.87
C CYS C 4 0.38 -35.00 -20.14
N SER C 5 -0.19 -33.81 -20.25
CA SER C 5 0.37 -32.63 -19.60
C SER C 5 0.48 -32.77 -18.09
N THR C 6 0.16 -33.94 -17.57
CA THR C 6 0.21 -34.21 -16.13
C THR C 6 1.25 -35.24 -15.71
N GLY C 7 1.55 -36.18 -16.59
CA GLY C 7 2.52 -37.20 -16.25
C GLY C 7 1.98 -38.14 -15.20
N LEU C 8 0.66 -38.11 -15.01
CA LEU C 8 -0.04 -38.94 -14.03
C LEU C 8 -1.19 -39.67 -14.69
N TYR C 9 -1.33 -40.94 -14.37
CA TYR C 9 -2.36 -41.75 -14.99
C TYR C 9 -3.31 -42.40 -14.02
N THR C 10 -4.54 -42.56 -14.48
CA THR C 10 -5.53 -43.20 -13.65
C THR C 10 -5.31 -44.69 -13.83
N HIS C 11 -5.96 -45.50 -13.02
CA HIS C 11 -5.78 -46.95 -13.10
C HIS C 11 -6.02 -47.58 -14.48
N SER C 12 -6.51 -46.82 -15.44
CA SER C 12 -6.75 -47.37 -16.76
C SER C 12 -6.12 -46.62 -17.92
N GLY C 13 -5.05 -45.88 -17.66
CA GLY C 13 -4.37 -45.18 -18.73
C GLY C 13 -4.89 -43.78 -19.05
N GLU C 14 -5.78 -43.27 -18.20
CA GLU C 14 -6.25 -41.92 -18.47
C GLU C 14 -5.32 -40.93 -17.79
N CYS C 15 -4.97 -39.87 -18.52
CA CYS C 15 -4.09 -38.83 -18.00
C CYS C 15 -4.87 -37.99 -17.01
N CYS C 16 -4.59 -38.21 -15.73
CA CYS C 16 -5.26 -37.48 -14.66
C CYS C 16 -5.39 -36.00 -15.01
N LYS C 17 -6.56 -35.45 -14.70
CA LYS C 17 -6.82 -34.03 -14.95
C LYS C 17 -6.11 -33.26 -13.86
N ALA C 18 -5.83 -31.99 -14.09
CA ALA C 18 -5.15 -31.19 -13.09
C ALA C 18 -6.03 -30.09 -12.50
N CYS C 19 -5.80 -29.81 -11.20
CA CYS C 19 -6.54 -28.77 -10.48
C CYS C 19 -5.86 -27.45 -10.79
N ASN C 20 -6.54 -26.64 -11.58
CA ASN C 20 -6.06 -25.34 -12.01
C ASN C 20 -5.69 -24.38 -10.89
N LEU C 21 -5.47 -23.12 -11.28
CA LEU C 21 -5.11 -22.07 -10.35
C LEU C 21 -6.29 -21.70 -9.46
N GLY C 22 -6.08 -21.69 -8.15
CA GLY C 22 -7.14 -21.35 -7.24
C GLY C 22 -7.96 -22.53 -6.78
N GLU C 23 -7.61 -23.71 -7.27
CA GLU C 23 -8.29 -24.95 -6.90
C GLU C 23 -7.26 -25.99 -6.48
N GLY C 24 -7.55 -26.70 -5.40
CA GLY C 24 -6.66 -27.74 -4.92
C GLY C 24 -7.20 -29.12 -5.21
N VAL C 25 -6.45 -30.15 -4.83
CA VAL C 25 -6.86 -31.54 -5.06
C VAL C 25 -7.57 -32.12 -3.84
N ALA C 26 -8.88 -32.34 -3.96
CA ALA C 26 -9.66 -32.89 -2.86
C ALA C 26 -9.18 -34.32 -2.60
N GLN C 27 -9.17 -35.14 -3.65
CA GLN C 27 -8.74 -36.53 -3.53
C GLN C 27 -7.89 -36.95 -4.73
N PRO C 28 -6.67 -37.44 -4.47
CA PRO C 28 -5.70 -37.89 -5.48
C PRO C 28 -6.19 -38.94 -6.47
N CYS C 29 -5.88 -38.69 -7.78
CA CYS C 29 -6.28 -39.60 -8.82
C CYS C 29 -5.60 -40.95 -8.65
N GLY C 30 -6.45 -41.98 -8.52
CA GLY C 30 -6.00 -43.35 -8.37
C GLY C 30 -6.99 -44.17 -9.19
N ALA C 31 -7.93 -44.80 -8.52
CA ALA C 31 -8.94 -45.57 -9.21
C ALA C 31 -9.74 -44.67 -10.16
N ASN C 32 -9.86 -43.39 -9.82
CA ASN C 32 -10.63 -42.45 -10.63
C ASN C 32 -9.85 -41.21 -11.07
N GLN C 33 -10.50 -40.38 -11.89
CA GLN C 33 -9.94 -39.16 -12.47
C GLN C 33 -9.07 -38.23 -11.62
N THR C 34 -9.71 -37.35 -10.85
CA THR C 34 -9.08 -36.36 -9.96
C THR C 34 -10.20 -35.48 -9.46
N VAL C 35 -10.24 -35.24 -8.16
CA VAL C 35 -11.28 -34.38 -7.62
C VAL C 35 -10.69 -33.06 -7.09
N CYS C 36 -11.07 -31.97 -7.77
CA CYS C 36 -10.62 -30.63 -7.43
C CYS C 36 -11.72 -29.79 -6.78
N GLU C 37 -11.40 -29.11 -5.71
CA GLU C 37 -12.36 -28.20 -5.12
C GLU C 37 -11.65 -26.87 -4.91
N PRO C 38 -12.38 -25.74 -5.08
CA PRO C 38 -11.80 -24.41 -4.90
C PRO C 38 -11.25 -24.16 -3.51
N CYS C 39 -10.19 -23.34 -3.42
CA CYS C 39 -9.60 -22.99 -2.14
C CYS C 39 -10.41 -21.89 -1.45
N LEU C 40 -10.21 -21.72 -0.15
CA LEU C 40 -10.94 -20.72 0.63
C LEU C 40 -10.19 -19.40 0.84
N ASP C 41 -10.76 -18.31 0.33
CA ASP C 41 -10.18 -16.97 0.46
C ASP C 41 -9.85 -16.73 1.92
N ASN C 42 -8.63 -16.28 2.16
CA ASN C 42 -8.11 -16.01 3.50
C ASN C 42 -7.74 -17.28 4.25
N VAL C 43 -8.09 -18.44 3.72
CA VAL C 43 -7.75 -19.69 4.39
C VAL C 43 -6.78 -20.59 3.61
N THR C 44 -7.04 -20.74 2.31
CA THR C 44 -6.23 -21.61 1.47
C THR C 44 -6.09 -21.07 0.06
N PHE C 45 -4.96 -21.40 -0.54
CA PHE C 45 -4.67 -20.93 -1.89
C PHE C 45 -4.00 -22.04 -2.69
N SER C 46 -4.02 -21.89 -4.00
CA SER C 46 -3.38 -22.80 -4.92
C SER C 46 -2.87 -21.95 -6.05
N ASP C 47 -1.58 -21.67 -6.06
CA ASP C 47 -0.97 -20.87 -7.11
C ASP C 47 -0.35 -21.74 -8.18
N VAL C 48 -0.71 -23.03 -8.20
CA VAL C 48 -0.17 -23.99 -9.17
C VAL C 48 -1.22 -24.88 -9.87
N VAL C 49 -1.11 -25.02 -11.18
CA VAL C 49 -2.03 -25.87 -11.93
C VAL C 49 -1.38 -27.23 -11.87
N SER C 50 -1.77 -27.98 -10.83
CA SER C 50 -1.23 -29.28 -10.54
C SER C 50 -2.32 -30.32 -10.27
N ALA C 51 -2.04 -31.57 -10.63
CA ALA C 51 -2.96 -32.67 -10.43
C ALA C 51 -2.44 -33.53 -9.29
N THR C 52 -1.72 -32.92 -8.37
CA THR C 52 -1.16 -33.62 -7.23
C THR C 52 -1.07 -32.72 -6.00
N GLU C 53 -1.32 -31.43 -6.20
CA GLU C 53 -1.24 -30.45 -5.13
C GLU C 53 -2.58 -29.96 -4.60
N PRO C 54 -2.79 -30.07 -3.27
CA PRO C 54 -4.01 -29.66 -2.57
C PRO C 54 -3.91 -28.18 -2.20
N CYS C 55 -4.99 -27.58 -1.73
CA CYS C 55 -4.92 -26.18 -1.34
C CYS C 55 -4.06 -26.12 -0.10
N LYS C 56 -2.98 -25.33 -0.18
CA LYS C 56 -2.09 -25.18 0.95
C LYS C 56 -2.57 -24.09 1.90
N PRO C 57 -2.20 -24.21 3.16
CA PRO C 57 -2.59 -23.24 4.18
C PRO C 57 -1.89 -21.89 3.99
N CYS C 58 -2.69 -20.83 3.91
CA CYS C 58 -2.20 -19.48 3.73
C CYS C 58 -1.25 -19.18 4.85
N THR C 59 -0.11 -18.59 4.52
CA THR C 59 0.93 -18.20 5.47
C THR C 59 0.36 -17.14 6.42
N GLU C 60 0.56 -17.30 7.72
CA GLU C 60 0.05 -16.32 8.67
C GLU C 60 1.17 -15.51 9.28
N CYS C 61 0.92 -14.22 9.47
CA CYS C 61 1.90 -13.34 10.05
C CYS C 61 1.77 -13.46 11.56
N LEU C 62 2.83 -13.94 12.20
CA LEU C 62 2.81 -14.13 13.63
C LEU C 62 3.74 -13.16 14.31
N GLY C 63 3.43 -12.79 15.54
CA GLY C 63 4.28 -11.90 16.33
C GLY C 63 4.42 -10.46 15.83
N LEU C 64 5.67 -10.08 15.59
CA LEU C 64 6.03 -8.76 15.09
C LEU C 64 5.84 -8.71 13.58
N GLN C 65 5.37 -9.81 12.99
CA GLN C 65 5.19 -9.87 11.54
C GLN C 65 3.83 -9.31 11.18
N SER C 66 3.78 -8.51 10.11
CA SER C 66 2.53 -7.93 9.68
C SER C 66 2.23 -8.19 8.21
N MET C 67 0.95 -8.27 7.91
CA MET C 67 0.50 -8.54 6.59
C MET C 67 0.96 -7.44 5.64
N SER C 68 1.64 -7.86 4.59
CA SER C 68 2.11 -6.94 3.59
C SER C 68 1.29 -7.25 2.37
N ALA C 69 0.75 -8.46 2.35
CA ALA C 69 -0.09 -8.95 1.26
C ALA C 69 -1.11 -9.97 1.78
N PRO C 70 -2.39 -9.79 1.46
CA PRO C 70 -3.34 -10.78 1.96
C PRO C 70 -3.44 -12.03 1.07
N CYS C 71 -3.90 -13.11 1.68
CA CYS C 71 -4.02 -14.36 0.97
C CYS C 71 -5.24 -14.47 0.06
N VAL C 72 -5.01 -14.75 -1.22
CA VAL C 72 -6.11 -14.94 -2.16
C VAL C 72 -6.16 -16.43 -2.42
N GLU C 73 -7.21 -16.91 -3.08
CA GLU C 73 -7.30 -18.35 -3.33
C GLU C 73 -6.19 -18.85 -4.23
N ALA C 74 -5.62 -17.96 -5.02
CA ALA C 74 -4.58 -18.32 -5.97
C ALA C 74 -3.18 -17.79 -5.63
N ASP C 75 -3.06 -17.20 -4.46
CA ASP C 75 -1.77 -16.64 -4.08
C ASP C 75 -1.65 -16.58 -2.56
N ASP C 76 -0.50 -17.00 -2.06
CA ASP C 76 -0.25 -17.00 -0.64
C ASP C 76 -0.16 -15.55 -0.16
N ALA C 77 -0.18 -15.38 1.16
CA ALA C 77 -0.07 -14.09 1.75
C ALA C 77 1.41 -13.81 1.91
N VAL C 78 1.74 -12.53 2.13
CA VAL C 78 3.11 -12.16 2.36
C VAL C 78 3.16 -11.33 3.65
N CYS C 79 4.18 -11.59 4.46
CA CYS C 79 4.37 -10.94 5.73
C CYS C 79 5.71 -10.24 5.86
N ARG C 80 5.71 -9.06 6.46
CA ARG C 80 6.94 -8.30 6.65
C ARG C 80 6.97 -7.79 8.10
N CYS C 81 8.13 -7.38 8.58
CA CYS C 81 8.18 -6.85 9.94
C CYS C 81 7.35 -5.58 10.04
N ALA C 82 6.58 -5.47 11.11
CA ALA C 82 5.73 -4.31 11.38
C ALA C 82 6.43 -2.95 11.19
N TYR C 83 5.63 -1.89 11.17
CA TYR C 83 6.15 -0.54 10.96
C TYR C 83 7.40 -0.17 11.75
N GLY C 84 7.35 -0.26 13.06
CA GLY C 84 8.53 0.12 13.83
C GLY C 84 9.75 -0.79 13.83
N TYR C 85 9.75 -1.83 13.02
CA TYR C 85 10.87 -2.77 13.01
C TYR C 85 11.33 -3.08 11.61
N TYR C 86 12.42 -3.84 11.52
CA TYR C 86 13.01 -4.28 10.26
C TYR C 86 13.44 -5.74 10.48
N GLN C 87 13.62 -6.50 9.41
CA GLN C 87 14.02 -7.90 9.53
C GLN C 87 15.52 -8.08 9.49
N ASP C 88 16.06 -8.73 10.52
CA ASP C 88 17.48 -9.01 10.59
C ASP C 88 17.76 -10.17 9.62
N GLU C 89 18.69 -9.92 8.69
CA GLU C 89 19.07 -10.87 7.64
C GLU C 89 19.37 -12.33 7.97
N GLU C 90 20.31 -12.56 8.87
CA GLU C 90 20.68 -13.92 9.23
C GLU C 90 19.77 -14.55 10.27
N THR C 91 19.18 -13.72 11.12
CA THR C 91 18.30 -14.22 12.16
C THR C 91 16.86 -14.36 11.71
N GLY C 92 16.46 -13.51 10.76
CA GLY C 92 15.09 -13.55 10.27
C GLY C 92 14.11 -13.02 11.30
N HIS C 93 14.67 -12.46 12.37
CA HIS C 93 13.90 -11.89 13.45
C HIS C 93 13.67 -10.38 13.25
N CYS C 94 12.54 -9.88 13.74
CA CYS C 94 12.25 -8.46 13.63
C CYS C 94 12.90 -7.72 14.79
N GLU C 95 13.71 -6.73 14.42
CA GLU C 95 14.43 -5.90 15.36
C GLU C 95 13.89 -4.47 15.27
N ALA C 96 13.80 -3.77 16.38
CA ALA C 96 13.29 -2.40 16.33
C ALA C 96 14.28 -1.54 15.56
N CYS C 97 13.73 -0.67 14.71
CA CYS C 97 14.53 0.24 13.90
C CYS C 97 15.47 1.07 14.78
N SER C 98 16.62 1.45 14.25
CA SER C 98 17.52 2.27 15.02
C SER C 98 16.96 3.69 14.91
N VAL C 99 17.32 4.55 15.85
CA VAL C 99 16.83 5.93 15.83
C VAL C 99 17.98 6.89 15.63
N CYS C 100 17.74 7.94 14.87
CA CYS C 100 18.76 8.95 14.67
C CYS C 100 18.55 9.89 15.85
N GLU C 101 19.45 9.77 16.82
CA GLU C 101 19.38 10.57 18.04
C GLU C 101 19.42 12.07 17.74
N VAL C 102 19.22 12.88 18.77
CA VAL C 102 19.27 14.32 18.56
C VAL C 102 20.68 14.65 18.04
N GLY C 103 20.77 15.55 17.07
CA GLY C 103 22.05 15.91 16.51
C GLY C 103 22.44 14.95 15.43
N SER C 104 21.50 14.09 15.08
CA SER C 104 21.68 13.06 14.06
C SER C 104 20.39 12.94 13.22
N GLY C 105 20.52 12.72 11.91
CA GLY C 105 19.35 12.63 11.06
C GLY C 105 19.18 11.53 10.01
N LEU C 106 17.91 11.29 9.66
CA LEU C 106 17.57 10.27 8.68
C LEU C 106 18.29 10.38 7.32
N VAL C 107 18.75 9.25 6.80
CA VAL C 107 19.42 9.23 5.50
C VAL C 107 18.64 8.24 4.66
N PHE C 108 18.46 7.06 5.22
CA PHE C 108 17.75 5.99 4.56
C PHE C 108 16.69 5.43 5.51
N SER C 109 15.46 5.41 5.02
CA SER C 109 14.35 4.91 5.81
C SER C 109 14.46 3.45 6.24
N CYS C 110 13.89 3.16 7.40
CA CYS C 110 13.89 1.82 7.98
C CYS C 110 12.66 1.06 7.49
N GLN C 111 12.89 0.18 6.51
CA GLN C 111 11.84 -0.61 5.90
C GLN C 111 12.33 -2.04 5.70
N ASP C 112 11.43 -2.98 5.97
CA ASP C 112 11.64 -4.43 5.88
C ASP C 112 13.03 -4.97 6.22
N LYS C 113 13.84 -5.29 5.22
CA LYS C 113 15.17 -5.83 5.47
C LYS C 113 16.20 -4.76 5.80
N GLN C 114 15.78 -3.51 5.68
CA GLN C 114 16.64 -2.35 5.90
C GLN C 114 16.47 -1.63 7.23
N ASN C 115 17.51 -1.62 8.05
CA ASN C 115 17.44 -0.87 9.30
C ASN C 115 17.81 0.56 8.95
N THR C 116 17.28 1.49 9.75
CA THR C 116 17.52 2.92 9.63
C THR C 116 18.99 3.27 9.42
N VAL C 117 19.26 4.05 8.38
CA VAL C 117 20.62 4.55 8.12
C VAL C 117 20.65 6.01 8.58
N CYS C 118 21.35 6.30 9.67
CA CYS C 118 21.43 7.68 10.18
C CYS C 118 22.62 8.50 9.73
N GLU C 119 22.61 9.77 10.13
CA GLU C 119 23.64 10.72 9.75
C GLU C 119 23.85 11.77 10.84
N GLU C 120 25.12 12.08 11.11
CA GLU C 120 25.47 13.10 12.08
C GLU C 120 25.19 14.31 11.21
N CYS C 121 24.38 15.25 11.72
CA CYS C 121 23.99 16.45 10.99
C CYS C 121 25.18 17.25 10.50
N PRO C 122 25.19 17.56 9.20
CA PRO C 122 26.30 18.34 8.64
C PRO C 122 26.27 19.81 9.04
N GLU C 123 27.31 20.52 8.62
CA GLU C 123 27.44 21.93 8.90
C GLU C 123 26.21 22.63 8.39
N GLY C 124 25.57 23.43 9.23
CA GLY C 124 24.39 24.15 8.81
C GLY C 124 23.03 23.53 9.05
N THR C 125 22.99 22.35 9.65
CA THR C 125 21.71 21.68 9.91
C THR C 125 21.64 21.13 11.33
N TYR C 126 20.44 20.74 11.73
CA TYR C 126 20.26 20.22 13.06
C TYR C 126 19.17 19.18 13.06
N SER C 127 19.01 18.52 14.20
CA SER C 127 17.98 17.53 14.39
C SER C 127 17.56 17.74 15.81
N ASP C 128 16.31 18.13 15.95
CA ASP C 128 15.65 18.42 17.22
C ASP C 128 15.24 17.17 17.98
N GLU C 129 14.93 16.09 17.28
CA GLU C 129 14.46 14.91 17.96
C GLU C 129 15.10 13.58 17.66
N ALA C 130 14.69 12.60 18.45
CA ALA C 130 15.18 11.24 18.32
C ALA C 130 14.10 10.34 17.69
N ASN C 131 14.32 9.96 16.44
CA ASN C 131 13.40 9.10 15.75
C ASN C 131 14.00 8.58 14.47
N HIS C 132 13.22 7.88 13.68
CA HIS C 132 13.76 7.38 12.44
C HIS C 132 12.99 7.83 11.22
N VAL C 133 12.54 9.07 11.23
CA VAL C 133 11.79 9.63 10.12
C VAL C 133 12.25 11.03 9.78
N ASP C 134 12.84 11.71 10.77
CA ASP C 134 13.29 13.10 10.59
C ASP C 134 14.70 13.29 10.09
N PRO C 135 14.85 14.00 8.97
CA PRO C 135 16.16 14.29 8.38
C PRO C 135 16.69 15.56 9.04
N CYS C 136 17.99 15.82 8.91
CA CYS C 136 18.59 17.02 9.50
C CYS C 136 17.98 18.20 8.75
N LEU C 137 17.64 19.25 9.48
CA LEU C 137 17.01 20.40 8.87
C LEU C 137 17.92 21.61 8.73
N PRO C 138 17.60 22.49 7.78
CA PRO C 138 18.43 23.68 7.60
C PRO C 138 18.17 24.69 8.72
N CYS C 139 19.24 25.19 9.30
CA CYS C 139 19.16 26.15 10.40
C CYS C 139 18.39 27.42 10.07
N THR C 140 17.74 27.98 11.09
CA THR C 140 17.04 29.25 10.93
C THR C 140 18.11 30.33 11.03
N VAL C 141 18.07 31.31 10.14
CA VAL C 141 19.04 32.40 10.21
C VAL C 141 18.37 33.62 10.81
N CYS C 142 18.73 33.97 12.05
CA CYS C 142 18.15 35.13 12.71
C CYS C 142 18.47 36.40 11.94
N GLU C 143 17.51 37.31 11.95
CA GLU C 143 17.62 38.59 11.26
C GLU C 143 18.63 39.56 11.90
N ASP C 144 19.20 40.44 11.09
CA ASP C 144 20.18 41.40 11.58
C ASP C 144 19.61 42.23 12.72
N THR C 145 18.30 42.31 12.76
CA THR C 145 17.57 43.06 13.76
C THR C 145 17.18 42.15 14.92
N GLU C 146 17.22 40.85 14.69
CA GLU C 146 16.83 39.92 15.73
C GLU C 146 17.96 39.44 16.64
N ARG C 147 17.62 39.29 17.91
CA ARG C 147 18.56 38.84 18.93
C ARG C 147 18.70 37.31 18.88
N GLN C 148 19.88 36.83 18.47
CA GLN C 148 20.14 35.39 18.40
C GLN C 148 20.24 34.90 19.83
N LEU C 149 19.10 34.51 20.39
CA LEU C 149 19.02 34.04 21.76
C LEU C 149 19.82 32.77 21.98
N ARG C 150 19.77 31.90 21.00
CA ARG C 150 20.48 30.64 21.02
C ARG C 150 20.96 30.37 19.59
N GLU C 151 22.20 29.93 19.44
CA GLU C 151 22.75 29.65 18.11
C GLU C 151 22.46 28.23 17.70
N CYS C 152 22.53 27.97 16.40
CA CYS C 152 22.29 26.65 15.86
C CYS C 152 23.46 25.72 16.09
N THR C 153 23.19 24.57 16.72
CA THR C 153 24.19 23.52 16.94
C THR C 153 23.62 22.31 16.25
N PRO C 154 24.41 21.24 16.12
CA PRO C 154 23.81 20.10 15.45
C PRO C 154 22.59 19.49 16.13
N TRP C 155 22.29 19.89 17.37
CA TRP C 155 21.14 19.33 18.08
C TRP C 155 19.99 20.29 18.41
N ALA C 156 20.18 21.58 18.20
CA ALA C 156 19.09 22.51 18.43
C ALA C 156 19.16 23.65 17.44
N ASP C 157 18.02 24.00 16.87
CA ASP C 157 17.94 25.09 15.90
C ASP C 157 18.12 26.44 16.59
N ALA C 158 18.48 27.45 15.81
CA ALA C 158 18.67 28.79 16.34
C ALA C 158 17.35 29.39 16.84
N GLU C 159 17.45 30.35 17.72
CA GLU C 159 16.26 31.02 18.26
C GLU C 159 16.35 32.52 18.00
N CYS C 160 15.21 33.17 17.81
CA CYS C 160 15.21 34.63 17.60
C CYS C 160 14.03 35.29 18.30
N GLU C 161 13.79 36.58 18.05
CA GLU C 161 12.70 37.28 18.73
C GLU C 161 11.62 37.86 17.82
#